data_5H7H
#
_entry.id   5H7H
#
_cell.length_a   67.398
_cell.length_b   67.398
_cell.length_c   166.725
_cell.angle_alpha   90.00
_cell.angle_beta   90.00
_cell.angle_gamma   120.00
#
_symmetry.space_group_name_H-M   'P 61 2 2'
#
loop_
_entity.id
_entity.type
_entity.pdbx_description
1 polymer 'B-cell lymphoma 6 protein'
2 polymer 'F1324 peptide residues 10-13'
3 non-polymer 1,2-ETHANEDIOL
4 water water
#
loop_
_entity_poly.entity_id
_entity_poly.type
_entity_poly.pdbx_seq_one_letter_code
_entity_poly.pdbx_strand_id
1 'polypeptide(L)'
;LDYKDDDDKENLYFQGADSCIQFTRHASDVLLNLNRLRSRDILTDVVIVVSREQFRAHKTVLMACSGLFYSIFTDQLKCN
LSVINLDPEINPEGFCILLDFMYTSRLNLREGNIMAVMATAMYLQMEHVVDTCRKFIKASE
;
A
2 'polypeptide(L)' (ACE)WRVP B,C
#
loop_
_chem_comp.id
_chem_comp.type
_chem_comp.name
_chem_comp.formula
ACE non-polymer 'ACETYL GROUP' 'C2 H4 O'
EDO non-polymer 1,2-ETHANEDIOL 'C2 H6 O2'
#
# COMPACT_ATOMS: atom_id res chain seq x y z
N LEU A 12 -20.53 2.65 -18.33
CA LEU A 12 -20.26 2.56 -16.86
C LEU A 12 -20.57 1.17 -16.29
N TYR A 13 -21.51 0.42 -16.89
CA TYR A 13 -21.89 -0.90 -16.39
C TYR A 13 -22.19 -1.90 -17.50
N PHE A 14 -22.09 -3.17 -17.15
CA PHE A 14 -22.25 -4.24 -18.12
C PHE A 14 -22.86 -5.46 -17.48
N GLN A 15 -23.42 -6.30 -18.34
CA GLN A 15 -23.90 -7.60 -17.97
C GLN A 15 -22.72 -8.54 -17.70
N GLY A 16 -22.55 -8.93 -16.45
CA GLY A 16 -21.51 -9.89 -16.06
C GLY A 16 -21.85 -11.31 -16.53
N ALA A 17 -20.87 -12.20 -16.38
CA ALA A 17 -21.05 -13.63 -16.64
C ALA A 17 -22.03 -14.29 -15.67
N ASP A 18 -22.13 -13.74 -14.46
CA ASP A 18 -23.20 -14.09 -13.51
C ASP A 18 -24.43 -13.21 -13.83
N SER A 19 -25.49 -13.27 -13.04
CA SER A 19 -26.67 -12.44 -13.35
C SER A 19 -26.42 -10.93 -13.04
N CYS A 20 -25.52 -10.64 -12.10
CA CYS A 20 -25.33 -9.28 -11.68
C CYS A 20 -24.87 -8.33 -12.78
N ILE A 21 -25.36 -7.11 -12.66
CA ILE A 21 -24.84 -5.96 -13.37
C ILE A 21 -23.54 -5.61 -12.68
N GLN A 22 -22.50 -5.33 -13.46
CA GLN A 22 -21.21 -5.01 -12.93
C GLN A 22 -20.76 -3.63 -13.39
N PHE A 23 -20.18 -2.87 -12.46
CA PHE A 23 -19.73 -1.50 -12.72
C PHE A 23 -18.23 -1.47 -12.96
N THR A 24 -17.85 -1.13 -14.19
CA THR A 24 -16.47 -1.09 -14.67
C THR A 24 -15.53 -0.25 -13.82
N ARG A 25 -15.95 0.96 -13.42
CA ARG A 25 -15.05 1.87 -12.70
C ARG A 25 -15.18 1.80 -11.18
N HIS A 26 -16.01 0.90 -10.66
CA HIS A 26 -16.32 0.96 -9.22
C HIS A 26 -15.08 0.72 -8.36
N ALA A 27 -14.32 -0.34 -8.65
CA ALA A 27 -13.19 -0.66 -7.80
C ALA A 27 -12.16 0.46 -7.84
N SER A 28 -11.85 0.98 -9.03
CA SER A 28 -10.91 2.10 -9.12
C SER A 28 -11.40 3.40 -8.47
N ASP A 29 -12.71 3.68 -8.55
CA ASP A 29 -13.31 4.83 -7.86
C ASP A 29 -13.24 4.68 -6.35
N VAL A 30 -13.47 3.46 -5.84
CA VAL A 30 -13.29 3.22 -4.42
C VAL A 30 -11.88 3.55 -3.98
N LEU A 31 -10.91 3.06 -4.75
CA LEU A 31 -9.52 3.27 -4.41
C LEU A 31 -9.18 4.76 -4.47
N LEU A 32 -9.73 5.45 -5.46
CA LEU A 32 -9.51 6.87 -5.62
C LEU A 32 -10.07 7.63 -4.39
N ASN A 33 -11.25 7.25 -3.96
CA ASN A 33 -11.85 7.83 -2.76
C ASN A 33 -11.09 7.50 -1.49
N LEU A 34 -10.59 6.28 -1.37
CA LEU A 34 -9.73 5.91 -0.23
C LEU A 34 -8.46 6.76 -0.18
N ASN A 35 -7.85 7.01 -1.33
CA ASN A 35 -6.67 7.84 -1.39
C ASN A 35 -6.98 9.28 -1.04
N ARG A 36 -8.15 9.77 -1.45
CA ARG A 36 -8.60 11.10 -1.09
C ARG A 36 -8.83 11.23 0.43
N LEU A 37 -9.41 10.20 1.05
CA LEU A 37 -9.53 10.18 2.51
C LEU A 37 -8.16 10.21 3.17
N ARG A 38 -7.21 9.41 2.64
CA ARG A 38 -5.83 9.49 3.11
C ARG A 38 -5.22 10.90 2.97
N SER A 39 -5.31 11.54 1.80
CA SER A 39 -4.81 12.92 1.64
C SER A 39 -5.35 13.92 2.66
N ARG A 40 -6.63 13.80 2.98
CA ARG A 40 -7.30 14.67 3.92
C ARG A 40 -7.21 14.17 5.37
N ASP A 41 -6.50 13.07 5.60
CA ASP A 41 -6.31 12.48 6.92
C ASP A 41 -7.64 12.14 7.60
N ILE A 42 -8.57 11.62 6.82
CA ILE A 42 -9.89 11.25 7.30
C ILE A 42 -9.92 9.76 7.61
N LEU A 43 -10.22 9.44 8.86
CA LEU A 43 -10.32 8.07 9.37
C LEU A 43 -9.04 7.25 9.28
N THR A 44 -7.89 7.90 9.07
CA THR A 44 -6.59 7.19 9.15
C THR A 44 -6.44 6.69 10.57
N ASP A 45 -5.93 5.47 10.73
CA ASP A 45 -5.92 4.85 12.04
C ASP A 45 -4.57 4.26 12.43
N VAL A 46 -3.55 4.52 11.63
CA VAL A 46 -2.22 4.07 11.97
C VAL A 46 -1.20 5.01 11.36
N VAL A 47 -0.09 5.16 12.08
CA VAL A 47 1.10 5.80 11.54
C VAL A 47 2.18 4.74 11.40
N ILE A 48 2.72 4.60 10.20
CA ILE A 48 3.87 3.72 9.94
C ILE A 48 5.13 4.57 9.98
N VAL A 49 6.07 4.20 10.86
CA VAL A 49 7.32 4.91 11.02
C VAL A 49 8.47 4.13 10.35
N VAL A 50 9.17 4.80 9.45
CA VAL A 50 10.35 4.25 8.78
C VAL A 50 11.46 5.25 9.02
N SER A 51 12.33 4.93 9.96
CA SER A 51 13.39 5.82 10.47
C SER A 51 12.80 7.17 10.92
N ARG A 52 13.18 8.29 10.33
CA ARG A 52 12.61 9.55 10.80
C ARG A 52 11.19 9.79 10.24
N GLU A 53 10.81 9.07 9.18
CA GLU A 53 9.63 9.41 8.39
C GLU A 53 8.35 8.74 8.90
N GLN A 54 7.26 9.49 8.94
CA GLN A 54 5.96 9.01 9.36
C GLN A 54 5.03 8.94 8.15
N PHE A 55 4.21 7.91 8.07
CA PHE A 55 3.23 7.74 7.00
C PHE A 55 1.88 7.37 7.58
N ARG A 56 0.87 8.22 7.38
CA ARG A 56 -0.46 7.94 7.92
C ARG A 56 -1.21 7.06 6.92
N ALA A 57 -1.99 6.10 7.42
CA ALA A 57 -2.74 5.19 6.55
C ALA A 57 -3.97 4.57 7.22
N HIS A 58 -4.70 3.82 6.42
CA HIS A 58 -5.82 3.02 6.90
C HIS A 58 -5.36 1.57 6.99
N LYS A 59 -5.47 0.99 8.19
CA LYS A 59 -5.09 -0.41 8.39
C LYS A 59 -5.66 -1.37 7.36
N THR A 60 -6.94 -1.22 7.04
CA THR A 60 -7.60 -2.14 6.10
C THR A 60 -6.99 -2.12 4.71
N VAL A 61 -6.59 -0.94 4.24
CA VAL A 61 -5.93 -0.84 2.94
C VAL A 61 -4.58 -1.52 3.00
N LEU A 62 -3.82 -1.29 4.08
CA LEU A 62 -2.51 -1.95 4.22
C LEU A 62 -2.65 -3.50 4.22
N MET A 63 -3.64 -4.00 4.94
CA MET A 63 -3.90 -5.44 5.05
C MET A 63 -4.36 -6.03 3.71
N ALA A 64 -5.07 -5.20 2.93
CA ALA A 64 -5.52 -5.59 1.60
C ALA A 64 -4.43 -5.60 0.55
N CYS A 65 -3.24 -5.06 0.86
CA CYS A 65 -2.14 -5.02 -0.10
C CYS A 65 -0.86 -5.72 0.32
N SER A 66 -0.69 -6.00 1.61
CA SER A 66 0.59 -6.48 2.17
C SER A 66 0.35 -7.66 3.09
N GLY A 67 1.06 -8.75 2.85
CA GLY A 67 1.05 -9.89 3.77
C GLY A 67 1.59 -9.56 5.15
N LEU A 68 2.60 -8.69 5.22
CA LEU A 68 3.15 -8.27 6.51
C LEU A 68 2.13 -7.50 7.33
N PHE A 69 1.48 -6.51 6.72
CA PHE A 69 0.46 -5.75 7.44
C PHE A 69 -0.77 -6.60 7.78
N TYR A 70 -1.17 -7.52 6.91
CA TYR A 70 -2.19 -8.49 7.28
C TYR A 70 -1.83 -9.23 8.59
N SER A 71 -0.61 -9.74 8.66
CA SER A 71 -0.17 -10.46 9.86
C SER A 71 -0.11 -9.58 11.10
N ILE A 72 0.40 -8.37 10.94
CA ILE A 72 0.52 -7.46 12.08
C ILE A 72 -0.86 -7.13 12.66
N PHE A 73 -1.81 -6.78 11.81
CA PHE A 73 -3.09 -6.30 12.27
C PHE A 73 -4.08 -7.42 12.57
N THR A 74 -3.72 -8.68 12.32
CA THR A 74 -4.47 -9.82 12.83
C THR A 74 -3.84 -10.45 14.09
N ASP A 75 -2.72 -9.91 14.55
CA ASP A 75 -2.09 -10.36 15.78
C ASP A 75 -2.85 -9.72 16.95
N GLN A 76 -3.27 -10.54 17.92
CA GLN A 76 -4.08 -10.07 19.05
C GLN A 76 -3.39 -8.96 19.84
N LEU A 77 -2.07 -8.99 19.94
CA LEU A 77 -1.34 -7.94 20.66
C LEU A 77 -1.21 -6.67 19.85
N LYS A 78 -0.94 -6.80 18.56
CA LYS A 78 -0.54 -5.67 17.74
C LYS A 78 -1.72 -5.00 17.00
N CYS A 79 -2.87 -5.65 16.95
CA CYS A 79 -3.98 -5.18 16.09
C CYS A 79 -4.51 -3.80 16.49
N ASN A 80 -4.43 -3.46 17.77
CA ASN A 80 -4.88 -2.15 18.28
C ASN A 80 -3.84 -1.04 18.34
N LEU A 81 -2.61 -1.32 17.94
CA LEU A 81 -1.57 -0.31 18.01
C LEU A 81 -1.86 0.77 16.98
N SER A 82 -1.66 2.04 17.35
CA SER A 82 -1.84 3.16 16.41
C SER A 82 -0.53 3.63 15.75
N VAL A 83 0.59 3.02 16.11
CA VAL A 83 1.91 3.31 15.56
C VAL A 83 2.64 1.98 15.37
N ILE A 84 3.18 1.78 14.17
CA ILE A 84 3.99 0.61 13.86
C ILE A 84 5.33 1.11 13.38
N ASN A 85 6.40 0.59 14.00
CA ASN A 85 7.75 0.93 13.62
C ASN A 85 8.33 -0.16 12.75
N LEU A 86 8.73 0.19 11.54
CA LEU A 86 9.35 -0.79 10.66
C LEU A 86 10.86 -0.79 10.87
N ASP A 87 11.49 -1.83 10.34
CA ASP A 87 12.94 -1.96 10.31
C ASP A 87 13.56 -0.60 9.87
N PRO A 88 14.40 0.02 10.73
CA PRO A 88 15.02 1.32 10.39
C PRO A 88 15.94 1.33 9.15
N GLU A 89 16.32 0.15 8.66
CA GLU A 89 17.04 0.02 7.41
C GLU A 89 16.17 -0.02 6.16
N ILE A 90 14.84 0.01 6.30
CA ILE A 90 13.95 0.17 5.15
C ILE A 90 14.13 1.58 4.63
N ASN A 91 14.25 1.69 3.31
CA ASN A 91 14.41 2.98 2.67
C ASN A 91 13.05 3.71 2.68
N PRO A 92 12.98 4.90 3.30
CA PRO A 92 11.69 5.60 3.37
C PRO A 92 11.07 5.90 2.00
N GLU A 93 11.90 6.19 1.01
CA GLU A 93 11.39 6.48 -0.33
C GLU A 93 10.74 5.22 -0.93
N GLY A 94 11.38 4.06 -0.77
CA GLY A 94 10.83 2.77 -1.20
C GLY A 94 9.46 2.51 -0.58
N PHE A 95 9.33 2.78 0.71
CA PHE A 95 8.06 2.62 1.39
C PHE A 95 6.99 3.58 0.87
N CYS A 96 7.37 4.84 0.71
CA CYS A 96 6.47 5.87 0.15
C CYS A 96 5.91 5.49 -1.22
N ILE A 97 6.80 5.03 -2.09
CA ILE A 97 6.42 4.51 -3.42
C ILE A 97 5.42 3.36 -3.32
N LEU A 98 5.70 2.37 -2.46
CA LEU A 98 4.79 1.24 -2.29
C LEU A 98 3.43 1.64 -1.67
N LEU A 99 3.44 2.55 -0.69
CA LEU A 99 2.19 3.07 -0.11
C LEU A 99 1.33 3.79 -1.15
N ASP A 100 1.96 4.60 -2.00
CA ASP A 100 1.25 5.31 -3.06
C ASP A 100 0.68 4.29 -4.04
N PHE A 101 1.47 3.27 -4.34
CA PHE A 101 1.00 2.14 -5.16
C PHE A 101 -0.25 1.50 -4.56
N MET A 102 -0.24 1.22 -3.26
CA MET A 102 -1.38 0.60 -2.61
C MET A 102 -2.67 1.41 -2.84
N TYR A 103 -2.55 2.73 -2.77
CA TYR A 103 -3.70 3.64 -2.86
C TYR A 103 -4.01 4.13 -4.27
N THR A 104 -3.22 3.74 -5.27
CA THR A 104 -3.40 4.22 -6.64
C THR A 104 -3.31 3.18 -7.79
N SER A 105 -2.73 2.00 -7.55
CA SER A 105 -2.34 1.06 -8.64
C SER A 105 -1.11 1.48 -9.47
N ARG A 106 -0.51 2.64 -9.19
CA ARG A 106 0.59 3.14 -9.98
C ARG A 106 1.87 2.96 -9.18
N LEU A 107 2.86 2.33 -9.81
CA LEU A 107 4.17 2.07 -9.18
C LEU A 107 5.22 2.91 -9.90
N ASN A 108 5.82 3.84 -9.17
CA ASN A 108 6.81 4.76 -9.70
C ASN A 108 8.19 4.09 -9.68
N LEU A 109 8.39 3.18 -10.61
CA LEU A 109 9.59 2.34 -10.67
C LEU A 109 10.60 3.02 -11.60
N ARG A 110 11.79 3.29 -11.07
CA ARG A 110 12.88 3.99 -11.78
C ARG A 110 14.18 3.28 -11.52
N GLU A 111 15.17 3.52 -12.40
CA GLU A 111 16.51 2.96 -12.22
C GLU A 111 17.05 3.18 -10.82
N GLY A 112 16.98 4.43 -10.35
CA GLY A 112 17.49 4.80 -9.02
C GLY A 112 16.71 4.35 -7.78
N ASN A 113 15.50 3.81 -7.94
CA ASN A 113 14.76 3.29 -6.78
C ASN A 113 14.44 1.80 -6.84
N ILE A 114 14.64 1.14 -7.99
CA ILE A 114 14.11 -0.21 -8.15
C ILE A 114 14.57 -1.21 -7.06
N MET A 115 15.85 -1.15 -6.70
CA MET A 115 16.39 -2.05 -5.68
C MET A 115 15.75 -1.80 -4.30
N ALA A 116 15.58 -0.54 -3.92
CA ALA A 116 14.92 -0.18 -2.66
C ALA A 116 13.45 -0.58 -2.64
N VAL A 117 12.77 -0.39 -3.78
CA VAL A 117 11.39 -0.77 -3.94
C VAL A 117 11.26 -2.29 -3.81
N MET A 118 12.11 -3.03 -4.52
CA MET A 118 12.07 -4.50 -4.44
C MET A 118 12.32 -4.99 -3.02
N ALA A 119 13.36 -4.47 -2.37
CA ALA A 119 13.70 -4.87 -0.99
C ALA A 119 12.54 -4.56 -0.02
N THR A 120 11.88 -3.43 -0.21
CA THR A 120 10.77 -3.03 0.65
C THR A 120 9.55 -3.92 0.40
N ALA A 121 9.30 -4.26 -0.87
CA ALA A 121 8.20 -5.16 -1.24
C ALA A 121 8.38 -6.57 -0.67
N MET A 122 9.62 -7.07 -0.67
CA MET A 122 9.94 -8.35 -0.03
C MET A 122 9.58 -8.31 1.45
N TYR A 123 10.09 -7.31 2.16
CA TYR A 123 9.77 -7.10 3.55
C TYR A 123 8.26 -7.01 3.80
N LEU A 124 7.55 -6.28 2.94
CA LEU A 124 6.09 -6.13 3.08
C LEU A 124 5.25 -7.34 2.58
N GLN A 125 5.89 -8.34 1.97
CA GLN A 125 5.20 -9.51 1.37
C GLN A 125 4.19 -9.06 0.31
N MET A 126 4.73 -8.39 -0.70
CA MET A 126 3.97 -7.95 -1.89
C MET A 126 4.68 -8.60 -3.06
N GLU A 127 4.47 -9.91 -3.17
CA GLU A 127 5.28 -10.76 -4.02
C GLU A 127 5.13 -10.45 -5.51
N HIS A 128 3.92 -10.08 -5.91
CA HIS A 128 3.68 -9.56 -7.26
C HIS A 128 4.51 -8.32 -7.63
N VAL A 129 4.75 -7.41 -6.69
CA VAL A 129 5.63 -6.26 -6.95
C VAL A 129 7.10 -6.71 -6.98
N VAL A 130 7.47 -7.64 -6.11
CA VAL A 130 8.84 -8.20 -6.13
C VAL A 130 9.09 -8.83 -7.52
N ASP A 131 8.17 -9.68 -7.95
CA ASP A 131 8.26 -10.37 -9.24
C ASP A 131 8.38 -9.37 -10.42
N THR A 132 7.60 -8.29 -10.38
CA THR A 132 7.68 -7.21 -11.38
C THR A 132 9.04 -6.56 -11.37
N CYS A 133 9.56 -6.20 -10.19
CA CYS A 133 10.90 -5.62 -10.09
C CYS A 133 11.99 -6.56 -10.66
N ARG A 134 11.92 -7.85 -10.32
CA ARG A 134 12.83 -8.87 -10.90
C ARG A 134 12.77 -8.84 -12.42
N LYS A 135 11.55 -8.82 -12.96
CA LYS A 135 11.36 -8.86 -14.42
C LYS A 135 11.92 -7.62 -15.11
N PHE A 136 11.78 -6.44 -14.50
CA PHE A 136 12.41 -5.22 -15.04
C PHE A 136 13.92 -5.25 -14.94
N ILE A 137 14.45 -5.80 -13.86
CA ILE A 137 15.89 -5.99 -13.70
C ILE A 137 16.44 -6.93 -14.80
N LYS A 138 15.76 -8.06 -15.02
CA LYS A 138 16.16 -9.04 -16.04
C LYS A 138 16.00 -8.49 -17.47
N ALA A 139 14.79 -8.03 -17.80
CA ALA A 139 14.50 -7.50 -19.14
C ALA A 139 15.34 -6.27 -19.54
N SER A 140 15.80 -5.50 -18.55
CA SER A 140 16.69 -4.35 -18.79
C SER A 140 18.17 -4.66 -18.65
N GLU A 141 18.54 -5.86 -18.20
CA GLU A 141 19.95 -6.31 -18.24
C GLU A 141 20.43 -6.48 -19.67
C ACE B 1 -19.83 8.47 -7.99
O ACE B 1 -19.59 9.61 -8.26
CH3 ACE B 1 -19.93 7.41 -9.07
N TRP B 2 -20.04 8.10 -6.75
CA TRP B 2 -19.77 9.04 -5.62
C TRP B 2 -18.29 9.42 -5.58
N ARG B 3 -17.99 10.71 -5.39
CA ARG B 3 -16.63 11.20 -5.15
C ARG B 3 -16.51 11.84 -3.80
N VAL B 4 -15.56 11.36 -2.99
CA VAL B 4 -15.21 12.06 -1.75
C VAL B 4 -14.71 13.47 -2.13
N PRO B 5 -15.28 14.52 -1.51
CA PRO B 5 -14.82 15.86 -1.93
C PRO B 5 -13.41 16.20 -1.43
C ACE C 1 5.02 0.87 21.38
O ACE C 1 6.07 1.11 21.98
CH3 ACE C 1 4.24 -0.38 21.67
N TRP C 2 4.52 1.71 20.47
CA TRP C 2 5.22 2.96 20.02
C TRP C 2 4.31 4.19 20.13
N ARG C 3 4.94 5.36 20.21
CA ARG C 3 4.27 6.67 20.11
C ARG C 3 4.99 7.51 19.06
N VAL C 4 4.36 8.63 18.67
CA VAL C 4 4.97 9.62 17.75
C VAL C 4 5.17 10.92 18.53
N PRO C 5 6.36 11.56 18.40
CA PRO C 5 6.70 12.72 19.26
C PRO C 5 5.82 13.96 19.06
C1 EDO D . -17.79 4.99 -5.83
O1 EDO D . -17.90 5.82 -6.99
C2 EDO D . -18.96 4.03 -5.82
O2 EDO D . -19.06 3.36 -7.09
#